data_4XA6
#
_entry.id   4XA6
#
_cell.length_a   155.546
_cell.length_b   46.889
_cell.length_c   169.055
_cell.angle_alpha   90.00
_cell.angle_beta   94.50
_cell.angle_gamma   90.00
#
_symmetry.space_group_name_H-M   'C 1 2 1'
#
_entity_poly.entity_id   1
_entity_poly.type   'polypeptide(L)'
_entity_poly.pdbx_seq_one_letter_code
;GAS(MSE)PL(MLY)PEEHEDILN(MLY)LLDPELAQSERTEALQQLRVNYGSFVSEYNDLT(MLY)SHAHLER(MSE)
(MLY)(MLY)N(MSE)EQTI(MLY)DLQHRLDEAEQIAL(MLY)GG(MLY)(MLY)QLQ(MLY)LEARVRELENELEAEQ
(MLY)RNAESV(MLY)G(MSE)R(MLY)SERRI(MLY)ELTYQTEDLE(MLY)ERDFYFG(MLY)LRNIELICQENEGEN
DPVLQRIVDILYATDE
;
_entity_poly.pdbx_strand_id   A,B,C,D
#
# COMPACT_ATOMS: atom_id res chain seq x y z
N PRO A 5 61.10 19.62 18.85
CA PRO A 5 60.90 20.94 19.45
C PRO A 5 60.83 20.84 20.97
N LEU A 6 61.98 20.85 21.63
CA LEU A 6 62.06 20.61 23.07
C LEU A 6 61.30 21.65 23.89
N PRO A 8 60.41 24.30 26.96
CA PRO A 8 61.15 25.48 27.46
C PRO A 8 61.99 25.24 28.72
N GLU A 9 61.67 24.22 29.51
CA GLU A 9 62.49 23.87 30.67
C GLU A 9 63.85 23.34 30.21
N GLU A 10 63.83 22.52 29.16
CA GLU A 10 65.06 21.98 28.58
C GLU A 10 65.86 23.08 27.90
N HIS A 11 65.17 23.98 27.20
CA HIS A 11 65.80 25.15 26.61
C HIS A 11 66.45 25.98 27.70
N GLU A 12 65.79 26.03 28.85
CA GLU A 12 66.28 26.82 29.97
C GLU A 12 67.54 26.23 30.58
N ASP A 13 67.52 24.94 30.91
CA ASP A 13 68.68 24.34 31.56
C ASP A 13 69.84 24.22 30.57
N ILE A 14 69.54 24.34 29.27
CA ILE A 14 70.60 24.57 28.29
C ILE A 14 71.16 25.98 28.45
N LEU A 15 70.26 26.96 28.57
CA LEU A 15 70.67 28.36 28.72
C LEU A 15 71.48 28.61 30.00
N ASN A 16 71.40 27.70 30.96
CA ASN A 16 72.19 27.81 32.18
C ASN A 16 73.60 27.30 31.97
N LEU A 18 75.46 28.14 29.61
CA LEU A 18 76.13 29.09 28.74
C LEU A 18 76.53 30.36 29.50
N LEU A 19 76.00 30.52 30.70
CA LEU A 19 76.32 31.68 31.54
C LEU A 19 77.59 31.46 32.35
N ASP A 20 78.05 30.21 32.40
CA ASP A 20 79.32 29.87 33.03
C ASP A 20 80.44 30.64 32.32
N PRO A 21 81.10 31.56 33.06
CA PRO A 21 82.07 32.51 32.51
C PRO A 21 83.24 31.87 31.76
N GLU A 22 83.59 30.65 32.13
CA GLU A 22 84.67 29.94 31.43
C GLU A 22 84.36 28.45 31.26
N LEU A 23 83.20 28.17 30.66
CA LEU A 23 82.80 26.81 30.34
C LEU A 23 83.71 26.23 29.25
N ALA A 24 83.82 24.91 29.21
CA ALA A 24 84.59 24.24 28.16
C ALA A 24 84.07 24.62 26.79
N GLN A 25 84.96 25.12 25.93
CA GLN A 25 84.55 25.68 24.64
C GLN A 25 83.77 24.69 23.76
N SER A 26 84.19 23.43 23.76
CA SER A 26 83.50 22.37 23.03
C SER A 26 82.05 22.26 23.44
N GLU A 27 81.81 22.37 24.74
CA GLU A 27 80.47 22.32 25.30
C GLU A 27 79.67 23.55 24.87
N ARG A 28 80.36 24.68 24.76
CA ARG A 28 79.72 25.91 24.31
C ARG A 28 79.25 25.79 22.86
N THR A 29 80.13 25.36 21.98
CA THR A 29 79.77 25.12 20.58
C THR A 29 78.63 24.10 20.47
N GLU A 30 78.72 23.02 21.26
CA GLU A 30 77.68 21.99 21.29
C GLU A 30 76.33 22.59 21.65
N ALA A 31 76.34 23.43 22.68
CA ALA A 31 75.11 24.07 23.15
C ALA A 31 74.53 24.98 22.08
N LEU A 32 75.35 25.88 21.55
CA LEU A 32 74.89 26.80 20.52
C LEU A 32 74.34 26.04 19.31
N GLN A 33 75.01 24.94 18.94
CA GLN A 33 74.54 24.11 17.87
C GLN A 33 73.16 23.56 18.19
N GLN A 34 73.02 23.06 19.42
CA GLN A 34 71.74 22.53 19.89
C GLN A 34 70.64 23.55 19.71
N LEU A 35 70.92 24.77 20.14
CA LEU A 35 69.97 25.86 20.04
C LEU A 35 69.58 26.15 18.58
N ARG A 36 70.57 26.23 17.70
CA ARG A 36 70.33 26.54 16.30
C ARG A 36 69.50 25.46 15.61
N VAL A 37 69.83 24.21 15.88
CA VAL A 37 69.08 23.09 15.32
C VAL A 37 67.64 23.11 15.82
N ASN A 38 67.49 23.25 17.14
CA ASN A 38 66.17 23.28 17.76
C ASN A 38 65.31 24.41 17.19
N TYR A 39 65.93 25.57 16.99
CA TYR A 39 65.21 26.70 16.42
C TYR A 39 64.84 26.43 14.98
N GLY A 40 65.75 25.85 14.22
CA GLY A 40 65.45 25.48 12.84
C GLY A 40 64.23 24.57 12.76
N SER A 41 64.18 23.60 13.68
CA SER A 41 63.07 22.67 13.78
C SER A 41 61.77 23.39 14.12
N PHE A 42 61.82 24.23 15.15
CA PHE A 42 60.66 24.98 15.60
C PHE A 42 60.12 25.84 14.46
N VAL A 43 61.03 26.48 13.74
CA VAL A 43 60.67 27.33 12.63
C VAL A 43 60.02 26.53 11.52
N SER A 44 60.58 25.36 11.22
CA SER A 44 60.04 24.59 10.11
C SER A 44 58.64 24.12 10.46
N GLU A 45 58.47 23.56 11.66
CA GLU A 45 57.17 23.01 12.07
C GLU A 45 56.13 24.12 12.17
N TYR A 46 56.57 25.30 12.59
CA TYR A 46 55.69 26.45 12.62
C TYR A 46 55.29 26.89 11.21
N ASN A 47 56.22 26.80 10.27
CA ASN A 47 55.94 27.14 8.88
C ASN A 47 54.93 26.17 8.29
N ASP A 48 55.02 24.91 8.73
CA ASP A 48 54.06 23.88 8.33
C ASP A 48 52.68 24.21 8.89
N LEU A 49 52.64 24.60 10.17
CA LEU A 49 51.37 24.97 10.79
C LEU A 49 50.77 26.22 10.16
N THR A 50 51.62 27.15 9.76
CA THR A 50 51.20 28.35 9.04
C THR A 50 50.63 28.02 7.68
N SER A 52 49.25 25.03 6.79
CA SER A 52 47.99 24.34 7.06
C SER A 52 46.88 25.30 7.48
N HIS A 53 47.24 26.23 8.35
CA HIS A 53 46.32 27.23 8.86
C HIS A 53 45.83 28.15 7.74
N ALA A 54 46.74 28.56 6.87
CA ALA A 54 46.37 29.43 5.75
C ALA A 54 45.42 28.69 4.83
N HIS A 55 45.59 27.38 4.76
CA HIS A 55 44.73 26.53 3.96
C HIS A 55 43.29 26.63 4.45
N LEU A 56 43.10 26.45 5.75
CA LEU A 56 41.76 26.48 6.32
C LEU A 56 41.13 27.85 6.08
N GLU A 57 41.97 28.88 6.09
CA GLU A 57 41.51 30.23 5.82
C GLU A 57 40.91 30.31 4.43
N ARG A 58 41.51 29.61 3.47
CA ARG A 58 41.02 29.63 2.10
C ARG A 58 39.71 28.87 2.00
N ASN A 62 35.73 29.82 0.73
CA ASN A 62 35.02 29.09 -0.33
C ASN A 62 33.67 28.58 0.16
N GLU A 64 32.00 29.76 2.87
CA GLU A 64 31.15 30.87 3.26
C GLU A 64 30.39 31.39 2.05
N GLN A 65 31.06 31.39 0.90
CA GLN A 65 30.45 31.87 -0.32
C GLN A 65 29.44 30.85 -0.85
N THR A 66 29.69 29.58 -0.54
CA THR A 66 28.81 28.51 -1.00
C THR A 66 27.48 28.60 -0.29
N ILE A 67 27.54 28.77 1.03
CA ILE A 67 26.32 28.91 1.82
C ILE A 67 25.50 30.08 1.31
N ASP A 69 25.55 31.26 -1.50
CA ASP A 69 24.94 30.82 -2.75
C ASP A 69 23.66 30.04 -2.43
N LEU A 70 23.82 28.90 -1.74
CA LEU A 70 22.73 27.97 -1.51
C LEU A 70 21.51 28.66 -0.93
N GLN A 71 21.73 29.38 0.17
CA GLN A 71 20.67 30.15 0.85
C GLN A 71 19.84 30.91 -0.15
N HIS A 72 20.52 31.71 -0.97
CA HIS A 72 19.82 32.52 -1.97
C HIS A 72 18.98 31.62 -2.87
N ARG A 73 19.62 30.61 -3.47
CA ARG A 73 18.93 29.66 -4.33
C ARG A 73 17.70 29.14 -3.63
N LEU A 74 17.87 28.75 -2.36
CA LEU A 74 16.79 28.16 -1.60
C LEU A 74 15.61 29.11 -1.61
N ASP A 75 15.87 30.35 -1.21
CA ASP A 75 14.85 31.37 -1.15
C ASP A 75 14.14 31.45 -2.49
N GLU A 76 14.93 31.51 -3.55
CA GLU A 76 14.39 31.60 -4.90
C GLU A 76 13.35 30.49 -5.13
N ALA A 77 13.74 29.26 -4.86
CA ALA A 77 12.84 28.13 -5.06
C ALA A 77 11.60 28.30 -4.20
N GLU A 78 11.82 28.65 -2.93
CA GLU A 78 10.73 28.81 -1.98
C GLU A 78 9.79 29.93 -2.42
N GLN A 79 10.31 30.84 -3.25
CA GLN A 79 9.48 31.91 -3.79
C GLN A 79 8.74 31.48 -5.04
N ILE A 80 9.40 30.70 -5.89
CA ILE A 80 8.79 30.27 -7.14
C ILE A 80 7.65 29.29 -6.85
N ALA A 81 7.87 28.45 -5.85
CA ALA A 81 6.86 27.52 -5.39
C ALA A 81 5.70 28.28 -4.78
N LEU A 82 6.05 29.27 -3.95
CA LEU A 82 5.04 30.03 -3.23
C LEU A 82 4.20 30.90 -4.16
N GLY A 84 3.59 30.14 -7.26
CA GLY A 84 2.77 29.23 -8.04
C GLY A 84 1.64 28.59 -7.25
N GLY A 85 1.34 29.17 -6.09
CA GLY A 85 0.34 28.60 -5.21
C GLY A 85 0.85 27.34 -4.57
N GLN A 88 -2.13 26.86 -1.00
CA GLN A 88 -3.45 26.44 -1.43
C GLN A 88 -3.38 25.10 -2.13
N LEU A 89 -2.32 24.88 -2.90
CA LEU A 89 -2.14 23.63 -3.62
C LEU A 89 -2.09 22.44 -2.67
N GLN A 90 -1.18 22.49 -1.70
CA GLN A 90 -1.01 21.40 -0.75
C GLN A 90 -2.27 21.22 0.08
N LEU A 92 -5.16 21.51 -1.02
CA LEU A 92 -6.04 20.68 -1.84
C LEU A 92 -5.64 19.22 -1.71
N GLU A 93 -4.33 18.96 -1.66
CA GLU A 93 -3.83 17.60 -1.52
C GLU A 93 -4.13 17.07 -0.11
N ALA A 94 -4.37 17.99 0.81
CA ALA A 94 -4.80 17.65 2.15
C ALA A 94 -6.24 17.17 2.11
N ARG A 95 -7.00 17.72 1.17
CA ARG A 95 -8.39 17.35 1.03
C ARG A 95 -8.58 16.16 0.10
N VAL A 96 -7.87 16.15 -1.02
CA VAL A 96 -7.93 15.03 -1.95
C VAL A 96 -7.68 13.69 -1.26
N ARG A 97 -6.64 13.64 -0.44
CA ARG A 97 -6.29 12.39 0.23
C ARG A 97 -7.30 12.05 1.33
N GLU A 98 -7.84 13.07 2.00
CA GLU A 98 -8.83 12.85 3.06
C GLU A 98 -10.10 12.23 2.47
N LEU A 99 -10.56 12.83 1.38
CA LEU A 99 -11.74 12.38 0.67
C LEU A 99 -11.53 10.99 0.09
N GLU A 100 -10.39 10.77 -0.55
CA GLU A 100 -10.03 9.43 -1.01
C GLU A 100 -10.09 8.42 0.13
N ASN A 101 -9.69 8.87 1.33
CA ASN A 101 -9.62 8.00 2.50
C ASN A 101 -10.99 7.55 2.99
N GLU A 102 -11.86 8.52 3.29
CA GLU A 102 -13.18 8.15 3.82
C GLU A 102 -14.09 7.57 2.73
N LEU A 103 -13.86 7.97 1.48
CA LEU A 103 -14.53 7.33 0.35
C LEU A 103 -14.12 5.89 0.27
N GLU A 104 -12.84 5.61 0.46
CA GLU A 104 -12.36 4.24 0.52
C GLU A 104 -13.05 3.50 1.66
N ALA A 105 -13.21 4.20 2.79
CA ALA A 105 -13.88 3.65 3.97
C ALA A 105 -15.27 3.14 3.63
N GLU A 106 -16.06 4.01 2.99
CA GLU A 106 -17.45 3.73 2.64
C GLU A 106 -17.64 2.80 1.45
N GLN A 107 -16.64 2.74 0.58
CA GLN A 107 -16.55 1.71 -0.45
C GLN A 107 -16.37 0.35 0.21
N ARG A 109 -17.17 -0.57 3.55
CA ARG A 109 -18.33 -0.98 4.34
C ARG A 109 -19.54 -1.29 3.44
N ASN A 110 -19.67 -0.52 2.34
CA ASN A 110 -20.68 -0.84 1.33
C ASN A 110 -20.43 -2.19 0.69
N ALA A 111 -19.19 -2.41 0.27
CA ALA A 111 -18.78 -3.70 -0.29
C ALA A 111 -19.11 -4.85 0.66
N GLU A 112 -19.06 -4.61 1.98
CA GLU A 112 -19.36 -5.68 2.93
C GLU A 112 -20.87 -5.95 3.06
N SER A 113 -21.68 -4.96 3.47
CA SER A 113 -23.11 -5.24 3.57
C SER A 113 -23.82 -5.00 2.23
N VAL A 114 -23.13 -5.28 1.13
CA VAL A 114 -23.77 -5.61 -0.15
C VAL A 114 -23.39 -7.07 -0.39
N GLY A 116 -22.64 -9.56 2.29
CA GLY A 116 -23.40 -10.37 3.19
C GLY A 116 -24.83 -9.96 3.44
N ARG A 118 -27.27 -9.76 0.11
CA ARG A 118 -27.98 -10.46 -0.96
C ARG A 118 -27.57 -11.90 -0.77
N SER A 120 -28.07 -12.39 2.35
CA SER A 120 -29.13 -12.59 3.38
C SER A 120 -30.50 -12.83 2.86
N GLU A 121 -30.78 -12.26 1.71
CA GLU A 121 -32.13 -12.42 1.21
C GLU A 121 -32.25 -13.47 0.11
N ARG A 122 -31.42 -14.51 0.15
CA ARG A 122 -31.73 -15.75 -0.58
C ARG A 122 -32.65 -16.53 0.34
N ARG A 123 -32.70 -16.07 1.59
CA ARG A 123 -33.53 -16.68 2.62
C ARG A 123 -35.00 -16.42 2.34
N ILE A 124 -35.32 -15.18 1.97
CA ILE A 124 -36.66 -14.83 1.49
C ILE A 124 -37.04 -15.72 0.32
N GLU A 126 -36.04 -18.38 -0.28
CA GLU A 126 -36.22 -19.72 0.26
C GLU A 126 -37.49 -19.74 1.12
N LEU A 127 -37.62 -18.77 2.01
CA LEU A 127 -38.76 -18.71 2.92
C LEU A 127 -40.07 -18.62 2.14
N THR A 128 -40.09 -17.77 1.12
CA THR A 128 -41.23 -17.65 0.22
C THR A 128 -41.59 -19.03 -0.32
N TYR A 129 -40.57 -19.75 -0.77
CA TYR A 129 -40.78 -21.10 -1.27
C TYR A 129 -41.46 -21.93 -0.18
N GLN A 130 -40.91 -21.89 1.02
CA GLN A 130 -41.48 -22.61 2.15
C GLN A 130 -42.93 -22.25 2.42
N THR A 131 -43.32 -21.02 2.11
CA THR A 131 -44.68 -20.61 2.43
C THR A 131 -45.64 -20.83 1.28
N GLU A 132 -45.20 -21.55 0.25
CA GLU A 132 -46.10 -21.75 -0.88
C GLU A 132 -46.22 -23.21 -1.27
N ASP A 133 -45.31 -24.04 -0.77
CA ASP A 133 -45.51 -25.47 -0.92
C ASP A 133 -46.30 -25.94 0.30
N LEU A 134 -45.96 -25.42 1.47
CA LEU A 134 -46.74 -25.67 2.67
C LEU A 134 -48.17 -25.29 2.40
N GLU A 135 -48.36 -24.06 1.92
CA GLU A 135 -49.67 -23.58 1.51
C GLU A 135 -50.37 -24.62 0.65
N GLU A 137 -49.85 -27.90 0.35
CA GLU A 137 -50.23 -29.00 1.21
C GLU A 137 -51.56 -28.68 1.89
N ARG A 138 -51.63 -27.52 2.55
CA ARG A 138 -52.85 -27.09 3.23
C ARG A 138 -54.00 -27.17 2.24
N ASP A 139 -53.90 -26.37 1.17
CA ASP A 139 -54.99 -26.24 0.23
C ASP A 139 -55.23 -27.57 -0.47
N PHE A 140 -54.24 -28.45 -0.42
CA PHE A 140 -54.43 -29.79 -0.95
C PHE A 140 -55.32 -30.58 -0.02
N TYR A 141 -54.86 -30.73 1.23
CA TYR A 141 -55.52 -31.59 2.20
C TYR A 141 -56.97 -31.16 2.35
N PHE A 142 -57.15 -29.86 2.66
CA PHE A 142 -58.46 -29.23 2.73
C PHE A 142 -59.34 -29.70 1.59
N GLY A 143 -58.84 -29.51 0.37
CA GLY A 143 -59.54 -29.91 -0.83
C GLY A 143 -60.14 -31.29 -0.64
N LEU A 145 -60.47 -33.17 1.95
CA LEU A 145 -61.45 -33.21 3.03
C LEU A 145 -62.82 -32.79 2.49
N ARG A 146 -62.88 -31.59 1.91
CA ARG A 146 -64.15 -31.07 1.44
C ARG A 146 -64.72 -32.00 0.37
N ASN A 147 -63.83 -32.61 -0.42
CA ASN A 147 -64.28 -33.55 -1.44
C ASN A 147 -65.07 -34.67 -0.78
N ILE A 148 -64.47 -35.27 0.23
CA ILE A 148 -65.12 -36.32 1.00
C ILE A 148 -66.45 -35.80 1.56
N GLU A 149 -66.45 -34.57 2.05
CA GLU A 149 -67.65 -33.98 2.63
C GLU A 149 -68.77 -34.02 1.59
N LEU A 150 -68.43 -33.64 0.36
CA LEU A 150 -69.42 -33.62 -0.70
C LEU A 150 -69.97 -35.02 -0.93
N ILE A 151 -69.08 -36.01 -0.91
CA ILE A 151 -69.50 -37.40 -1.10
C ILE A 151 -70.48 -37.81 -0.01
N CYS A 152 -70.31 -37.25 1.19
CA CYS A 152 -71.18 -37.61 2.31
C CYS A 152 -72.50 -36.85 2.23
N GLN A 153 -72.54 -35.81 1.42
CA GLN A 153 -73.77 -35.08 1.15
C GLN A 153 -74.43 -35.63 -0.11
N GLU A 154 -73.75 -36.57 -0.76
CA GLU A 154 -74.27 -37.26 -1.94
C GLU A 154 -74.69 -38.68 -1.58
N ASN A 155 -75.12 -38.87 -0.34
CA ASN A 155 -75.54 -40.19 0.12
C ASN A 155 -77.03 -40.22 0.44
N GLU A 156 -77.74 -41.17 -0.16
CA GLU A 156 -79.19 -41.25 -0.05
C GLU A 156 -79.63 -41.92 1.25
N GLY A 157 -78.81 -42.86 1.74
CA GLY A 157 -79.15 -43.62 2.92
C GLY A 157 -78.61 -42.96 4.16
N GLU A 158 -79.22 -43.27 5.31
CA GLU A 158 -78.73 -42.75 6.58
C GLU A 158 -77.31 -43.25 6.81
N ASN A 159 -76.50 -42.44 7.47
CA ASN A 159 -75.08 -42.72 7.61
C ASN A 159 -74.78 -44.03 8.34
N ASP A 160 -74.31 -45.00 7.57
CA ASP A 160 -73.72 -46.22 8.12
C ASP A 160 -72.66 -45.80 9.13
N PRO A 161 -72.68 -46.41 10.33
CA PRO A 161 -71.80 -46.10 11.48
C PRO A 161 -70.42 -45.58 11.11
N VAL A 162 -69.77 -46.24 10.15
CA VAL A 162 -68.48 -45.81 9.64
C VAL A 162 -68.56 -44.41 9.03
N LEU A 163 -69.43 -44.27 8.03
CA LEU A 163 -69.66 -42.99 7.36
C LEU A 163 -70.16 -41.92 8.33
N GLN A 164 -70.89 -42.33 9.36
CA GLN A 164 -71.37 -41.41 10.38
C GLN A 164 -70.20 -40.87 11.21
N ARG A 165 -69.24 -41.75 11.50
CA ARG A 165 -68.03 -41.34 12.21
C ARG A 165 -67.20 -40.40 11.34
N ILE A 166 -67.06 -40.74 10.06
CA ILE A 166 -66.30 -39.91 9.13
C ILE A 166 -66.94 -38.53 8.98
N VAL A 167 -68.25 -38.49 8.82
CA VAL A 167 -68.99 -37.23 8.79
C VAL A 167 -68.78 -36.44 10.08
N ASP A 168 -68.85 -37.12 11.21
CA ASP A 168 -68.63 -36.49 12.51
C ASP A 168 -67.25 -35.85 12.60
N ILE A 169 -66.26 -36.48 11.96
CA ILE A 169 -64.95 -35.88 11.87
C ILE A 169 -65.00 -34.62 11.02
N LEU A 170 -65.75 -34.70 9.92
CA LEU A 170 -65.82 -33.64 8.92
C LEU A 170 -66.48 -32.37 9.44
N TYR A 171 -65.97 -31.91 10.57
CA TYR A 171 -66.26 -30.59 11.09
C TYR A 171 -64.93 -30.03 11.55
N ALA A 172 -64.58 -28.84 11.07
CA ALA A 172 -63.28 -28.26 11.34
C ALA A 172 -63.26 -26.78 10.98
N LEU B 6 61.75 35.59 16.43
CA LEU B 6 62.97 36.14 15.82
C LEU B 6 63.25 35.51 14.46
N PRO B 8 65.38 34.00 11.18
CA PRO B 8 66.47 33.02 11.12
C PRO B 8 67.84 33.70 11.24
N GLU B 9 68.03 34.80 10.51
CA GLU B 9 69.28 35.54 10.56
C GLU B 9 69.51 36.18 11.94
N GLU B 10 68.45 36.77 12.48
CA GLU B 10 68.52 37.50 13.74
C GLU B 10 68.87 36.58 14.92
N HIS B 11 68.58 35.29 14.77
CA HIS B 11 68.99 34.29 15.76
C HIS B 11 70.49 34.03 15.64
N GLU B 12 70.89 33.56 14.46
CA GLU B 12 72.30 33.25 14.17
C GLU B 12 73.21 34.38 14.63
N ASP B 13 72.83 35.63 14.33
CA ASP B 13 73.63 36.80 14.70
C ASP B 13 73.81 36.92 16.23
N ILE B 14 72.96 36.22 16.99
CA ILE B 14 73.09 36.14 18.45
C ILE B 14 73.93 34.93 18.83
N LEU B 15 73.73 33.83 18.12
CA LEU B 15 74.43 32.60 18.44
C LEU B 15 75.93 32.67 18.13
N ASN B 16 76.30 33.46 17.13
CA ASN B 16 77.71 33.57 16.79
C ASN B 16 78.36 34.75 17.48
N LEU B 18 78.08 34.50 21.06
CA LEU B 18 78.40 33.76 22.27
C LEU B 18 79.57 32.82 21.99
N LEU B 19 79.87 32.66 20.70
CA LEU B 19 81.01 31.87 20.27
C LEU B 19 82.31 32.38 20.92
N ASP B 20 82.38 33.70 21.10
CA ASP B 20 83.52 34.33 21.77
C ASP B 20 83.45 34.07 23.27
N PRO B 21 84.41 33.30 23.80
CA PRO B 21 84.43 32.97 25.22
C PRO B 21 84.95 34.12 26.09
N GLU B 22 85.41 35.18 25.45
CA GLU B 22 85.86 36.36 26.19
C GLU B 22 84.78 37.42 26.23
N LEU B 23 83.55 37.00 25.98
CA LEU B 23 82.40 37.91 25.99
C LEU B 23 82.08 38.39 27.40
N ALA B 24 81.91 39.70 27.55
CA ALA B 24 81.59 40.30 28.84
C ALA B 24 80.32 39.68 29.42
N GLN B 25 80.40 39.27 30.69
CA GLN B 25 79.32 38.52 31.34
C GLN B 25 77.96 39.22 31.24
N SER B 26 77.97 40.56 31.25
CA SER B 26 76.74 41.32 31.07
C SER B 26 76.11 41.08 29.70
N GLU B 27 76.90 41.30 28.64
CA GLU B 27 76.43 41.12 27.28
C GLU B 27 75.96 39.69 27.03
N ARG B 28 76.68 38.73 27.61
CA ARG B 28 76.30 37.33 27.57
C ARG B 28 74.93 37.12 28.22
N THR B 29 74.78 37.58 29.45
CA THR B 29 73.53 37.38 30.19
C THR B 29 72.34 38.02 29.49
N GLU B 30 72.56 39.18 28.87
CA GLU B 30 71.47 39.87 28.20
C GLU B 30 71.15 39.23 26.85
N ALA B 31 72.16 38.65 26.21
CA ALA B 31 71.94 37.91 24.96
C ALA B 31 71.13 36.65 25.24
N LEU B 32 71.54 35.92 26.27
CA LEU B 32 70.79 34.76 26.72
C LEU B 32 69.38 35.15 27.14
N GLN B 33 69.24 36.33 27.72
CA GLN B 33 67.92 36.84 28.05
C GLN B 33 67.07 36.99 26.79
N GLN B 34 67.67 37.58 25.75
CA GLN B 34 67.01 37.71 24.46
C GLN B 34 66.53 36.34 23.97
N LEU B 35 67.40 35.35 24.06
CA LEU B 35 67.04 34.00 23.64
C LEU B 35 65.85 33.48 24.42
N ARG B 36 65.82 33.79 25.72
CA ARG B 36 64.74 33.32 26.59
C ARG B 36 63.40 33.95 26.25
N VAL B 37 63.37 35.28 26.18
CA VAL B 37 62.11 35.98 25.89
C VAL B 37 61.63 35.70 24.48
N ASN B 38 62.56 35.51 23.54
CA ASN B 38 62.21 35.19 22.17
C ASN B 38 61.64 33.78 22.04
N TYR B 39 62.31 32.81 22.66
CA TYR B 39 61.82 31.43 22.64
C TYR B 39 60.45 31.34 23.33
N GLY B 40 60.31 32.04 24.45
CA GLY B 40 59.01 32.13 25.11
C GLY B 40 57.95 32.71 24.18
N SER B 41 58.30 33.81 23.51
CA SER B 41 57.43 34.49 22.56
C SER B 41 56.93 33.57 21.45
N PHE B 42 57.83 32.76 20.89
CA PHE B 42 57.42 31.91 19.78
C PHE B 42 56.74 30.63 20.27
N VAL B 43 56.98 30.22 21.51
CA VAL B 43 56.17 29.15 22.08
C VAL B 43 54.72 29.65 22.22
N SER B 44 54.56 30.85 22.78
CA SER B 44 53.24 31.46 22.90
C SER B 44 52.56 31.59 21.54
N GLU B 45 53.28 32.15 20.57
CA GLU B 45 52.74 32.33 19.22
C GLU B 45 52.31 31.00 18.61
N TYR B 46 53.18 30.00 18.72
CA TYR B 46 52.88 28.68 18.18
C TYR B 46 51.62 28.09 18.80
N ASN B 47 51.56 28.12 20.13
CA ASN B 47 50.38 27.61 20.84
C ASN B 47 49.10 28.34 20.42
N ASP B 48 49.22 29.65 20.24
CA ASP B 48 48.09 30.44 19.75
C ASP B 48 47.67 29.90 18.39
N LEU B 49 48.65 29.55 17.56
CA LEU B 49 48.35 29.08 16.21
C LEU B 49 47.73 27.69 16.21
N THR B 50 48.11 26.85 17.18
CA THR B 50 47.48 25.54 17.30
C THR B 50 46.06 25.67 17.83
N SER B 52 44.10 28.42 17.28
CA SER B 52 43.40 29.07 16.17
C SER B 52 43.10 28.08 15.05
N HIS B 53 44.11 27.28 14.71
CA HIS B 53 43.94 26.24 13.70
C HIS B 53 42.87 25.26 14.15
N ALA B 54 42.80 25.04 15.46
CA ALA B 54 41.80 24.16 16.03
C ALA B 54 40.40 24.74 15.85
N HIS B 55 40.32 26.07 15.92
CA HIS B 55 39.04 26.76 15.75
C HIS B 55 38.55 26.63 14.32
N LEU B 56 39.43 26.92 13.36
CA LEU B 56 39.03 26.86 11.96
C LEU B 56 38.57 25.46 11.61
N GLU B 57 39.24 24.47 12.19
CA GLU B 57 38.95 23.07 11.93
C GLU B 57 37.55 22.71 12.42
N ARG B 58 37.13 23.37 13.50
CA ARG B 58 35.80 23.14 14.05
C ARG B 58 34.75 23.82 13.20
N ASN B 62 31.44 22.46 11.03
CA ASN B 62 30.07 22.92 11.20
C ASN B 62 29.51 23.54 9.93
N GLU B 64 30.35 22.48 6.93
CA GLU B 64 30.04 21.36 6.04
C GLU B 64 28.64 20.86 6.32
N GLN B 65 28.32 20.67 7.61
CA GLN B 65 27.01 20.18 8.00
C GLN B 65 25.91 21.15 7.59
N THR B 66 26.22 22.44 7.65
CA THR B 66 25.30 23.47 7.19
C THR B 66 25.00 23.29 5.72
N ILE B 67 26.06 23.40 4.92
CA ILE B 67 26.00 23.24 3.46
C ILE B 67 25.14 22.04 3.05
N ASP B 69 22.96 20.26 4.79
CA ASP B 69 21.56 20.48 5.15
C ASP B 69 20.92 21.36 4.10
N LEU B 70 21.59 22.47 3.78
CA LEU B 70 21.09 23.39 2.77
C LEU B 70 20.79 22.65 1.48
N GLN B 71 21.75 21.87 0.99
CA GLN B 71 21.56 21.09 -0.24
C GLN B 71 20.26 20.29 -0.14
N HIS B 72 20.07 19.60 0.97
CA HIS B 72 18.86 18.81 1.15
C HIS B 72 17.66 19.73 1.10
N ARG B 73 17.70 20.79 1.89
CA ARG B 73 16.58 21.73 1.94
C ARG B 73 16.35 22.34 0.56
N LEU B 74 17.42 22.42 -0.25
CA LEU B 74 17.28 22.93 -1.60
C LEU B 74 16.58 21.89 -2.49
N ASP B 75 17.05 20.64 -2.42
CA ASP B 75 16.58 19.59 -3.31
C ASP B 75 15.07 19.47 -3.25
N GLU B 76 14.55 19.27 -2.04
CA GLU B 76 13.11 19.16 -1.85
C GLU B 76 12.42 20.40 -2.37
N ALA B 77 12.97 21.57 -2.07
CA ALA B 77 12.33 22.82 -2.45
C ALA B 77 12.33 23.00 -3.96
N GLU B 78 13.20 22.27 -4.66
CA GLU B 78 13.23 22.31 -6.11
C GLU B 78 12.15 21.43 -6.70
N GLN B 79 11.80 20.37 -5.97
CA GLN B 79 10.80 19.41 -6.44
C GLN B 79 9.40 19.77 -5.99
N ILE B 80 9.32 20.55 -4.91
CA ILE B 80 8.05 21.10 -4.45
C ILE B 80 7.56 22.10 -5.50
N ALA B 81 8.51 22.83 -6.10
CA ALA B 81 8.17 23.83 -7.10
C ALA B 81 7.90 23.19 -8.47
N LEU B 82 8.04 21.88 -8.54
CA LEU B 82 7.76 21.12 -9.75
C LEU B 82 6.26 20.79 -9.86
N GLY B 84 3.33 21.96 -10.58
CA GLY B 84 2.34 22.74 -11.32
C GLY B 84 2.29 24.24 -11.06
N GLY B 85 2.14 25.01 -12.13
CA GLY B 85 2.03 26.45 -12.04
C GLY B 85 0.64 26.89 -11.61
N GLN B 88 -2.24 23.33 -13.03
CA GLN B 88 -2.32 22.08 -12.29
C GLN B 88 -2.83 22.34 -10.87
N LEU B 89 -2.74 23.60 -10.44
CA LEU B 89 -3.33 24.02 -9.18
C LEU B 89 -4.81 23.72 -9.17
N GLN B 90 -5.53 24.46 -10.00
CA GLN B 90 -6.98 24.47 -10.03
C GLN B 90 -7.50 23.23 -10.76
N LEU B 92 -6.60 20.40 -9.44
CA LEU B 92 -6.83 19.62 -8.22
C LEU B 92 -8.23 19.82 -7.63
N GLU B 93 -8.77 21.03 -7.77
CA GLU B 93 -10.15 21.27 -7.36
C GLU B 93 -11.17 20.61 -8.30
N ALA B 94 -10.68 20.22 -9.47
CA ALA B 94 -11.49 19.45 -10.39
C ALA B 94 -11.46 17.99 -9.97
N ARG B 95 -10.58 17.73 -9.00
CA ARG B 95 -10.47 16.42 -8.39
C ARG B 95 -11.23 16.39 -7.06
N VAL B 96 -11.07 17.44 -6.25
CA VAL B 96 -11.63 17.44 -4.90
C VAL B 96 -13.15 17.29 -4.88
N ARG B 97 -13.82 17.64 -5.98
CA ARG B 97 -15.26 17.45 -6.03
C ARG B 97 -15.67 16.58 -7.20
N GLU B 98 -14.71 15.88 -7.77
CA GLU B 98 -15.01 14.71 -8.56
C GLU B 98 -15.01 13.57 -7.55
N LEU B 99 -14.47 13.87 -6.37
CA LEU B 99 -14.43 12.95 -5.24
C LEU B 99 -15.60 13.17 -4.30
N GLU B 100 -15.87 14.43 -3.95
CA GLU B 100 -16.98 14.74 -3.05
C GLU B 100 -18.30 14.25 -3.61
N ASN B 101 -18.36 14.13 -4.93
CA ASN B 101 -19.47 13.44 -5.57
C ASN B 101 -19.49 12.00 -5.09
N GLU B 102 -18.49 11.23 -5.49
CA GLU B 102 -18.45 9.79 -5.21
C GLU B 102 -18.47 9.51 -3.71
N LEU B 103 -18.05 10.50 -2.92
CA LEU B 103 -18.05 10.39 -1.48
C LEU B 103 -19.46 10.25 -0.92
N GLU B 104 -20.40 11.04 -1.45
CA GLU B 104 -21.78 10.95 -0.99
C GLU B 104 -22.54 9.86 -1.74
N ALA B 105 -22.27 9.74 -3.04
CA ALA B 105 -22.92 8.74 -3.89
C ALA B 105 -22.71 7.33 -3.34
N GLU B 106 -21.48 7.04 -2.90
CA GLU B 106 -21.17 5.73 -2.35
C GLU B 106 -21.36 5.66 -0.83
N GLN B 107 -22.20 6.55 -0.31
CA GLN B 107 -22.62 6.46 1.08
C GLN B 107 -24.12 6.71 1.14
N ARG B 109 -25.96 5.46 -1.44
CA ARG B 109 -26.40 4.18 -1.97
C ARG B 109 -26.21 3.04 -0.96
N ASN B 110 -25.24 3.17 -0.07
CA ASN B 110 -25.03 2.20 1.00
C ASN B 110 -26.12 2.34 2.06
N ALA B 111 -26.26 3.57 2.58
CA ALA B 111 -27.30 3.90 3.55
C ALA B 111 -28.65 3.39 3.03
N GLU B 112 -28.91 3.63 1.76
CA GLU B 112 -30.02 3.00 1.06
C GLU B 112 -29.94 1.47 1.15
N SER B 113 -28.76 0.88 0.94
CA SER B 113 -28.70 -0.59 0.88
C SER B 113 -29.10 -1.27 2.20
N VAL B 114 -28.89 -0.60 3.34
CA VAL B 114 -29.38 -1.16 4.61
C VAL B 114 -30.79 -0.60 5.02
N GLY B 116 -32.59 -1.17 2.64
CA GLY B 116 -32.93 -2.46 2.07
C GLY B 116 -32.70 -3.61 3.04
N ARG B 118 -33.31 -3.62 6.51
CA ARG B 118 -34.50 -3.94 7.31
C ARG B 118 -35.84 -3.71 6.56
N SER B 120 -35.89 -5.62 4.13
CA SER B 120 -35.86 -7.06 3.88
C SER B 120 -36.18 -7.88 5.13
N GLU B 121 -35.82 -7.35 6.32
CA GLU B 121 -36.18 -8.02 7.58
C GLU B 121 -37.63 -7.85 7.95
N ARG B 122 -38.24 -6.77 7.51
CA ARG B 122 -39.68 -6.62 7.79
C ARG B 122 -40.55 -7.61 7.01
N ARG B 123 -39.94 -8.56 6.32
CA ARG B 123 -40.69 -9.57 5.60
C ARG B 123 -40.10 -10.97 5.84
N ILE B 124 -38.79 -11.07 6.06
CA ILE B 124 -38.14 -12.36 6.42
C ILE B 124 -38.52 -12.76 7.86
N GLU B 126 -41.59 -11.61 8.78
CA GLU B 126 -43.02 -11.70 8.50
C GLU B 126 -43.33 -13.04 7.83
N LEU B 127 -42.37 -13.52 7.04
CA LEU B 127 -42.51 -14.79 6.33
C LEU B 127 -42.13 -15.98 7.21
N THR B 128 -41.76 -15.71 8.44
CA THR B 128 -41.61 -16.78 9.43
C THR B 128 -42.92 -16.88 10.22
N TYR B 129 -43.60 -15.75 10.35
CA TYR B 129 -44.91 -15.70 10.99
C TYR B 129 -45.94 -16.38 10.11
N GLN B 130 -45.63 -16.47 8.83
CA GLN B 130 -46.53 -17.06 7.84
C GLN B 130 -46.18 -18.51 7.58
N THR B 131 -44.91 -18.87 7.75
CA THR B 131 -44.45 -20.22 7.44
C THR B 131 -44.83 -21.22 8.52
N GLU B 132 -45.28 -20.70 9.65
CA GLU B 132 -45.53 -21.55 10.81
C GLU B 132 -47.03 -21.81 11.01
N ASP B 133 -47.83 -20.76 10.96
CA ASP B 133 -49.27 -20.91 11.12
C ASP B 133 -49.86 -21.66 9.94
N LEU B 134 -49.23 -21.50 8.78
CA LEU B 134 -49.63 -22.21 7.58
C LEU B 134 -49.35 -23.70 7.78
N GLU B 135 -48.19 -24.02 8.35
CA GLU B 135 -47.84 -25.40 8.64
C GLU B 135 -48.72 -25.94 9.76
N GLU B 137 -52.06 -25.06 10.16
CA GLU B 137 -53.28 -25.42 9.44
C GLU B 137 -53.11 -26.71 8.66
N ARG B 138 -52.03 -26.78 7.89
CA ARG B 138 -51.67 -27.99 7.15
C ARG B 138 -51.67 -29.21 8.07
N ASP B 139 -51.02 -29.07 9.22
CA ASP B 139 -50.96 -30.15 10.20
C ASP B 139 -52.36 -30.54 10.69
N PHE B 140 -53.20 -29.54 10.94
CA PHE B 140 -54.59 -29.76 11.35
C PHE B 140 -55.31 -30.65 10.32
N TYR B 141 -55.37 -30.18 9.09
CA TYR B 141 -56.09 -30.89 8.04
C TYR B 141 -55.47 -32.26 7.76
N PHE B 142 -54.18 -32.42 8.03
CA PHE B 142 -53.55 -33.73 7.89
C PHE B 142 -54.02 -34.65 9.02
N GLY B 143 -54.22 -34.05 10.19
CA GLY B 143 -54.73 -34.79 11.34
C GLY B 143 -56.09 -35.36 11.06
N LEU B 145 -57.46 -35.64 8.11
CA LEU B 145 -57.29 -36.55 6.99
C LEU B 145 -56.90 -37.96 7.41
N ARG B 146 -55.93 -38.11 8.31
CA ARG B 146 -55.49 -39.47 8.62
C ARG B 146 -56.27 -40.10 9.79
N ASN B 147 -57.10 -39.34 10.49
CA ASN B 147 -58.15 -39.97 11.29
C ASN B 147 -59.12 -40.67 10.34
N ILE B 148 -59.66 -39.89 9.40
CA ILE B 148 -60.57 -40.40 8.40
C ILE B 148 -59.98 -41.57 7.63
N GLU B 149 -58.68 -41.48 7.37
CA GLU B 149 -57.98 -42.45 6.57
C GLU B 149 -57.75 -43.71 7.38
N LEU B 150 -57.50 -43.54 8.68
CA LEU B 150 -57.39 -44.68 9.58
C LEU B 150 -58.71 -45.44 9.69
N ILE B 151 -59.81 -44.71 9.53
CA ILE B 151 -61.12 -45.35 9.51
C ILE B 151 -61.40 -46.04 8.18
N CYS B 152 -60.93 -45.43 7.08
CA CYS B 152 -61.18 -45.97 5.74
C CYS B 152 -60.43 -47.26 5.49
N GLN B 153 -59.41 -47.53 6.31
CA GLN B 153 -58.80 -48.85 6.35
C GLN B 153 -59.73 -49.79 7.10
N GLU B 154 -59.24 -50.97 7.48
CA GLU B 154 -60.09 -52.01 8.07
C GLU B 154 -61.22 -52.39 7.10
N ASN B 155 -62.11 -51.43 6.84
CA ASN B 155 -63.28 -51.63 5.98
C ASN B 155 -62.95 -51.66 4.48
N GLU B 156 -61.73 -52.01 4.14
CA GLU B 156 -61.35 -52.10 2.73
C GLU B 156 -62.06 -53.27 2.05
N GLY B 157 -62.46 -54.26 2.85
CA GLY B 157 -63.19 -55.40 2.35
C GLY B 157 -64.59 -55.50 2.95
N ASN B 159 -66.01 -54.42 0.41
CA ASN B 159 -65.59 -53.26 -0.37
C ASN B 159 -66.75 -52.30 -0.62
N ASP B 160 -67.07 -51.50 0.40
CA ASP B 160 -68.16 -50.53 0.31
C ASP B 160 -67.90 -49.53 -0.81
N PRO B 161 -68.86 -49.40 -1.74
CA PRO B 161 -68.77 -48.46 -2.86
C PRO B 161 -68.42 -47.04 -2.41
N VAL B 162 -69.18 -46.49 -1.47
CA VAL B 162 -68.95 -45.13 -0.97
C VAL B 162 -67.57 -45.00 -0.30
N LEU B 163 -67.20 -46.00 0.48
CA LEU B 163 -65.89 -45.99 1.11
C LEU B 163 -64.80 -46.19 0.06
N GLN B 164 -65.16 -46.79 -1.07
CA GLN B 164 -64.18 -46.99 -2.14
C GLN B 164 -63.92 -45.67 -2.88
N ARG B 165 -64.95 -44.86 -3.08
CA ARG B 165 -64.72 -43.53 -3.67
C ARG B 165 -64.00 -42.61 -2.68
N ILE B 166 -64.32 -42.71 -1.38
CA ILE B 166 -63.57 -41.92 -0.40
C ILE B 166 -62.09 -42.34 -0.36
N VAL B 167 -61.83 -43.64 -0.42
CA VAL B 167 -60.46 -44.15 -0.47
C VAL B 167 -59.77 -43.65 -1.74
N ASP B 168 -60.50 -43.66 -2.85
CA ASP B 168 -59.96 -43.14 -4.09
C ASP B 168 -59.61 -41.65 -3.96
N ILE B 169 -60.34 -40.93 -3.11
CA ILE B 169 -60.04 -39.53 -2.84
C ILE B 169 -58.79 -39.38 -1.95
N LEU B 170 -58.62 -40.29 -1.01
CA LEU B 170 -57.52 -40.23 -0.05
C LEU B 170 -56.13 -40.41 -0.67
N TYR B 171 -56.07 -40.96 -1.89
CA TYR B 171 -54.80 -41.20 -2.55
C TYR B 171 -54.85 -40.83 -4.03
N ARG C 58 -87.71 -40.97 -22.62
CA ARG C 58 -86.29 -41.28 -22.81
C ARG C 58 -85.41 -40.07 -22.48
N ASN C 62 -81.50 -38.37 -22.50
CA ASN C 62 -81.30 -36.94 -22.67
C ASN C 62 -80.16 -36.46 -21.78
N GLU C 64 -77.48 -38.43 -21.05
CA GLU C 64 -76.19 -38.94 -21.52
C GLU C 64 -75.60 -37.96 -22.53
N GLN C 65 -76.43 -37.00 -22.94
CA GLN C 65 -75.97 -35.85 -23.70
C GLN C 65 -75.14 -34.95 -22.79
N THR C 66 -75.53 -34.89 -21.53
CA THR C 66 -74.80 -34.13 -20.53
C THR C 66 -73.62 -34.95 -20.00
N ILE C 67 -73.79 -36.26 -19.93
CA ILE C 67 -72.71 -37.16 -19.54
C ILE C 67 -71.57 -37.06 -20.55
N ASP C 69 -71.20 -34.26 -22.66
CA ASP C 69 -70.82 -32.87 -22.40
C ASP C 69 -69.68 -32.82 -21.38
N LEU C 70 -69.95 -33.30 -20.17
CA LEU C 70 -68.93 -33.40 -19.13
C LEU C 70 -67.66 -34.07 -19.66
N GLN C 71 -67.83 -35.28 -20.18
CA GLN C 71 -66.71 -36.07 -20.72
C GLN C 71 -65.84 -35.23 -21.62
N HIS C 72 -66.47 -34.32 -22.36
CA HIS C 72 -65.76 -33.43 -23.26
C HIS C 72 -65.04 -32.34 -22.46
N ARG C 73 -65.83 -31.54 -21.71
CA ARG C 73 -65.28 -30.45 -20.92
C ARG C 73 -64.09 -30.92 -20.09
N LEU C 74 -64.33 -31.95 -19.30
CA LEU C 74 -63.29 -32.62 -18.51
C LEU C 74 -62.03 -32.75 -19.32
N ASP C 75 -62.13 -33.47 -20.44
CA ASP C 75 -60.96 -33.76 -21.25
C ASP C 75 -60.22 -32.48 -21.58
N GLU C 76 -60.95 -31.47 -22.03
CA GLU C 76 -60.34 -30.20 -22.40
C GLU C 76 -59.50 -29.68 -21.24
N ALA C 77 -60.11 -29.62 -20.05
CA ALA C 77 -59.39 -29.18 -18.85
C ALA C 77 -58.15 -30.03 -18.62
N GLU C 78 -58.32 -31.35 -18.72
CA GLU C 78 -57.23 -32.28 -18.48
C GLU C 78 -56.06 -32.02 -19.41
N GLN C 79 -56.34 -31.49 -20.60
CA GLN C 79 -55.27 -31.21 -21.55
C GLN C 79 -54.66 -29.83 -21.28
N ILE C 80 -55.47 -28.89 -20.82
CA ILE C 80 -54.97 -27.56 -20.52
C ILE C 80 -54.08 -27.62 -19.28
N ALA C 81 -54.42 -28.52 -18.37
CA ALA C 81 -53.69 -28.70 -17.12
C ALA C 81 -52.27 -29.19 -17.37
N LEU C 82 -52.04 -29.74 -18.55
CA LEU C 82 -50.73 -30.24 -18.92
C LEU C 82 -49.74 -29.10 -19.18
N GLY C 84 -49.12 -28.15 -22.01
CA GLY C 84 -48.39 -28.66 -23.15
C GLY C 84 -46.98 -29.09 -22.75
N GLY C 85 -46.90 -29.89 -21.69
CA GLY C 85 -45.62 -30.31 -21.15
C GLY C 85 -45.02 -31.52 -21.85
N GLN C 88 -42.70 -28.91 -23.75
CA GLN C 88 -42.35 -27.77 -22.91
C GLN C 88 -41.35 -28.20 -21.84
N LEU C 89 -41.49 -29.43 -21.37
CA LEU C 89 -40.49 -30.04 -20.52
C LEU C 89 -39.15 -30.03 -21.22
N GLN C 90 -39.11 -30.71 -22.36
CA GLN C 90 -37.87 -30.88 -23.12
C GLN C 90 -37.25 -29.54 -23.52
N LEU C 92 -37.37 -26.85 -21.88
CA LEU C 92 -36.72 -26.29 -20.71
C LEU C 92 -35.62 -27.23 -20.23
N GLU C 93 -35.64 -28.47 -20.71
CA GLU C 93 -34.62 -29.45 -20.35
C GLU C 93 -33.37 -29.23 -21.20
N ALA C 94 -33.53 -28.40 -22.23
CA ALA C 94 -32.43 -28.08 -23.12
C ALA C 94 -31.85 -26.70 -22.80
N ARG C 95 -32.71 -25.78 -22.39
CA ARG C 95 -32.28 -24.44 -21.97
C ARG C 95 -31.40 -24.54 -20.72
N VAL C 96 -31.78 -25.42 -19.82
CA VAL C 96 -30.98 -25.70 -18.63
C VAL C 96 -29.58 -26.14 -19.04
N ARG C 97 -29.50 -27.05 -20.01
CA ARG C 97 -28.23 -27.61 -20.45
C ARG C 97 -27.27 -26.53 -20.96
N GLU C 98 -27.74 -25.71 -21.89
CA GLU C 98 -26.88 -24.69 -22.49
C GLU C 98 -26.62 -23.56 -21.50
N LEU C 99 -27.52 -23.39 -20.54
CA LEU C 99 -27.28 -22.44 -19.46
C LEU C 99 -26.12 -22.90 -18.60
N GLU C 100 -26.11 -24.20 -18.28
CA GLU C 100 -25.02 -24.79 -17.53
C GLU C 100 -23.72 -24.63 -18.30
N ASN C 101 -23.78 -24.95 -19.59
CA ASN C 101 -22.59 -24.91 -20.44
C ASN C 101 -22.01 -23.50 -20.54
N GLU C 102 -22.87 -22.52 -20.76
CA GLU C 102 -22.42 -21.14 -20.83
C GLU C 102 -21.95 -20.65 -19.47
N LEU C 103 -22.57 -21.16 -18.41
CA LEU C 103 -22.17 -20.82 -17.05
C LEU C 103 -20.73 -21.25 -16.79
N GLU C 104 -20.44 -22.52 -17.03
CA GLU C 104 -19.11 -23.05 -16.77
C GLU C 104 -18.13 -22.44 -17.75
N ALA C 105 -18.61 -22.09 -18.94
CA ALA C 105 -17.79 -21.34 -19.89
C ALA C 105 -17.35 -20.03 -19.24
N GLU C 106 -18.29 -19.34 -18.60
CA GLU C 106 -18.05 -18.06 -17.96
C GLU C 106 -17.17 -18.16 -16.72
N GLN C 107 -17.36 -19.22 -15.94
CA GLN C 107 -16.48 -19.49 -14.80
C GLN C 107 -15.06 -19.72 -15.29
N ARG C 109 -13.83 -18.45 -18.00
CA ARG C 109 -13.30 -17.14 -18.38
C ARG C 109 -12.97 -16.32 -17.14
N ASN C 110 -13.55 -16.69 -16.01
CA ASN C 110 -13.26 -16.02 -14.75
C ASN C 110 -11.95 -16.52 -14.15
N ALA C 111 -11.76 -17.83 -14.15
CA ALA C 111 -10.53 -18.41 -13.61
C ALA C 111 -9.34 -17.99 -14.47
N GLU C 112 -9.59 -17.75 -15.75
CA GLU C 112 -8.56 -17.25 -16.65
C GLU C 112 -8.25 -15.78 -16.33
N SER C 113 -9.20 -15.10 -15.72
CA SER C 113 -9.07 -13.68 -15.44
C SER C 113 -8.37 -13.43 -14.10
N VAL C 114 -8.60 -14.30 -13.13
CA VAL C 114 -7.95 -14.19 -11.84
C VAL C 114 -6.57 -14.86 -11.89
N GLY C 116 -4.33 -13.81 -14.29
CA GLY C 116 -3.53 -12.62 -14.53
C GLY C 116 -3.64 -11.64 -13.38
N ARG C 118 -3.80 -11.99 -10.43
CA ARG C 118 -2.83 -12.39 -9.42
C ARG C 118 -1.42 -12.17 -9.95
N SER C 120 -0.26 -9.92 -12.20
CA SER C 120 0.16 -8.52 -12.20
C SER C 120 0.42 -8.02 -10.79
N GLU C 121 -0.55 -8.23 -9.91
CA GLU C 121 -0.46 -7.79 -8.52
C GLU C 121 0.87 -8.23 -7.92
N ARG C 122 1.33 -9.39 -8.37
CA ARG C 122 2.63 -9.91 -7.96
C ARG C 122 3.71 -9.55 -8.98
N ARG C 123 3.58 -8.36 -9.56
CA ARG C 123 4.64 -7.75 -10.36
C ARG C 123 4.71 -6.26 -10.03
N ILE C 124 3.57 -5.71 -9.62
CA ILE C 124 3.55 -4.36 -9.07
C ILE C 124 4.13 -4.37 -7.66
N GLU C 126 6.62 -6.67 -7.23
CA GLU C 126 7.97 -7.16 -7.55
C GLU C 126 8.82 -6.04 -8.11
N LEU C 127 8.27 -5.32 -9.08
CA LEU C 127 8.99 -4.19 -9.68
C LEU C 127 9.13 -3.07 -8.67
N THR C 128 8.21 -3.01 -7.72
CA THR C 128 8.31 -2.04 -6.63
C THR C 128 9.62 -2.21 -5.87
N TYR C 129 9.95 -3.46 -5.54
CA TYR C 129 11.19 -3.74 -4.85
C TYR C 129 12.36 -3.39 -5.77
N GLN C 130 12.17 -3.58 -7.07
CA GLN C 130 13.21 -3.23 -8.04
C GLN C 130 13.49 -1.73 -8.03
N THR C 131 12.44 -0.94 -7.79
CA THR C 131 12.64 0.50 -7.68
C THR C 131 13.36 0.82 -6.36
N GLU C 132 12.81 0.30 -5.26
CA GLU C 132 13.32 0.63 -3.93
C GLU C 132 14.80 0.29 -3.74
N ASP C 133 15.28 -0.74 -4.43
CA ASP C 133 16.68 -1.14 -4.34
C ASP C 133 17.57 -0.27 -5.22
N LEU C 134 17.17 -0.11 -6.48
CA LEU C 134 17.87 0.77 -7.40
C LEU C 134 17.92 2.18 -6.85
N GLU C 135 16.79 2.63 -6.30
CA GLU C 135 16.69 3.95 -5.70
C GLU C 135 17.74 4.14 -4.61
N GLU C 137 20.62 2.27 -4.09
CA GLU C 137 21.99 2.20 -4.57
C GLU C 137 22.30 3.30 -5.60
N ARG C 138 21.32 4.14 -5.87
CA ARG C 138 21.55 5.33 -6.69
C ARG C 138 21.75 6.53 -5.77
N ASP C 139 20.93 6.61 -4.72
CA ASP C 139 21.10 7.63 -3.68
C ASP C 139 22.44 7.48 -2.99
N PHE C 140 22.93 6.25 -2.94
CA PHE C 140 24.22 5.95 -2.34
C PHE C 140 25.35 6.57 -3.17
N TYR C 141 25.39 6.21 -4.45
CA TYR C 141 26.41 6.73 -5.37
C TYR C 141 26.32 8.24 -5.48
N PHE C 142 25.10 8.76 -5.49
CA PHE C 142 24.86 10.19 -5.55
C PHE C 142 25.40 10.88 -4.31
N GLY C 143 25.20 10.24 -3.17
CA GLY C 143 25.72 10.72 -1.91
C GLY C 143 27.23 10.87 -2.00
N LEU C 145 29.19 10.99 -4.71
CA LEU C 145 29.52 12.00 -5.71
C LEU C 145 29.40 13.40 -5.13
N ARG C 146 28.27 13.67 -4.48
CA ARG C 146 27.99 14.98 -3.93
C ARG C 146 29.00 15.34 -2.84
N ASN C 147 29.39 14.37 -2.03
CA ASN C 147 30.40 14.60 -1.01
C ASN C 147 31.73 14.99 -1.65
N ILE C 148 32.08 14.28 -2.72
CA ILE C 148 33.29 14.59 -3.47
C ILE C 148 33.22 16.00 -4.05
N GLU C 149 32.04 16.37 -4.53
CA GLU C 149 31.81 17.71 -5.06
C GLU C 149 32.01 18.76 -3.99
N LEU C 150 31.57 18.46 -2.78
CA LEU C 150 31.79 19.34 -1.63
C LEU C 150 33.28 19.52 -1.36
N ILE C 151 33.98 18.40 -1.24
CA ILE C 151 35.42 18.43 -1.03
C ILE C 151 36.15 19.22 -2.14
N CYS C 152 35.60 19.19 -3.34
CA CYS C 152 36.22 19.89 -4.47
C CYS C 152 35.92 21.38 -4.43
N GLN C 153 34.70 21.76 -4.10
CA GLN C 153 34.36 23.18 -4.04
C GLN C 153 34.81 23.79 -2.72
N GLU C 154 35.47 22.97 -1.90
CA GLU C 154 36.20 23.50 -0.76
C GLU C 154 37.56 23.99 -1.21
N ASN C 155 38.37 23.06 -1.71
CA ASN C 155 39.69 23.37 -2.26
C ASN C 155 39.57 23.91 -3.69
N GLU C 156 38.91 25.04 -3.86
CA GLU C 156 38.59 25.53 -5.20
C GLU C 156 39.78 26.17 -5.89
N GLY C 157 40.07 27.42 -5.54
CA GLY C 157 41.09 28.18 -6.24
C GLY C 157 42.53 27.76 -5.99
N GLU C 158 42.72 26.54 -5.49
CA GLU C 158 44.05 26.04 -5.18
C GLU C 158 44.69 25.33 -6.38
N ASN C 159 44.47 25.88 -7.57
CA ASN C 159 45.09 25.45 -8.84
C ASN C 159 45.43 23.95 -9.03
N ASP C 160 44.80 23.08 -8.26
CA ASP C 160 45.09 21.65 -8.33
C ASP C 160 44.56 21.06 -9.63
N PRO C 161 45.47 20.54 -10.48
CA PRO C 161 45.09 19.97 -11.78
C PRO C 161 44.20 18.74 -11.63
N VAL C 162 44.49 17.91 -10.65
CA VAL C 162 43.72 16.70 -10.38
C VAL C 162 42.28 17.02 -10.00
N LEU C 163 42.11 17.93 -9.04
CA LEU C 163 40.80 18.39 -8.64
C LEU C 163 40.07 19.04 -9.80
N GLN C 164 40.82 19.68 -10.67
CA GLN C 164 40.23 20.27 -11.86
C GLN C 164 39.66 19.17 -12.74
N ARG C 165 40.42 18.09 -12.93
CA ARG C 165 39.95 16.94 -13.70
C ARG C 165 38.69 16.32 -13.11
N ILE C 166 38.69 16.15 -11.78
CA ILE C 166 37.52 15.63 -11.06
C ILE C 166 36.29 16.51 -11.24
N VAL C 167 36.51 17.82 -11.17
CA VAL C 167 35.44 18.78 -11.41
C VAL C 167 34.95 18.70 -12.86
N ASP C 168 35.87 18.47 -13.79
CA ASP C 168 35.51 18.28 -15.19
C ASP C 168 34.65 17.04 -15.36
N ILE C 169 34.90 16.04 -14.52
CA ILE C 169 34.13 14.80 -14.52
C ILE C 169 32.78 14.96 -13.83
N LEU C 170 32.80 15.66 -12.69
CA LEU C 170 31.61 15.84 -11.86
C LEU C 170 30.44 16.53 -12.55
N TYR C 171 30.72 17.24 -13.65
CA TYR C 171 29.70 18.07 -14.28
C TYR C 171 29.47 17.76 -15.75
N ALA C 172 30.01 16.64 -16.23
CA ALA C 172 29.92 16.29 -17.64
C ALA C 172 28.77 15.30 -17.91
N THR C 173 27.88 15.66 -18.83
CA THR C 173 26.77 14.78 -19.22
C THR C 173 27.12 13.92 -20.43
N ASP D 69 -70.39 -38.47 -11.10
CA ASP D 69 -69.02 -38.71 -10.65
C ASP D 69 -68.06 -37.79 -11.39
N LEU D 70 -68.42 -37.52 -12.64
CA LEU D 70 -67.60 -36.69 -13.51
C LEU D 70 -67.60 -35.23 -13.11
N GLN D 71 -68.54 -34.83 -12.25
CA GLN D 71 -68.69 -33.42 -11.91
C GLN D 71 -67.46 -32.80 -11.22
N HIS D 72 -67.24 -33.13 -9.94
CA HIS D 72 -66.09 -32.55 -9.24
C HIS D 72 -64.78 -33.24 -9.62
N ARG D 73 -64.86 -34.21 -10.52
CA ARG D 73 -63.66 -34.74 -11.19
C ARG D 73 -63.21 -33.72 -12.24
N LEU D 74 -64.18 -33.25 -13.02
CA LEU D 74 -63.97 -32.12 -13.91
C LEU D 74 -63.47 -30.92 -13.12
N ASP D 75 -64.15 -30.57 -12.03
CA ASP D 75 -63.74 -29.42 -11.22
C ASP D 75 -62.31 -29.57 -10.69
N GLU D 76 -61.99 -30.76 -10.19
CA GLU D 76 -60.65 -31.04 -9.71
C GLU D 76 -59.63 -30.84 -10.82
N ALA D 77 -59.92 -31.34 -12.01
CA ALA D 77 -59.02 -31.17 -13.15
C ALA D 77 -58.85 -29.68 -13.49
N GLU D 78 -59.96 -28.94 -13.36
CA GLU D 78 -59.98 -27.52 -13.62
C GLU D 78 -59.04 -26.76 -12.70
N GLN D 79 -59.07 -27.10 -11.42
CA GLN D 79 -58.21 -26.40 -10.46
C GLN D 79 -56.77 -26.93 -10.48
N ILE D 80 -56.57 -28.16 -10.95
CA ILE D 80 -55.22 -28.63 -11.25
C ILE D 80 -54.62 -27.75 -12.34
N ALA D 81 -55.46 -27.42 -13.32
CA ALA D 81 -55.02 -26.56 -14.41
C ALA D 81 -54.63 -25.17 -13.91
N LEU D 82 -55.40 -24.66 -12.94
CA LEU D 82 -55.31 -23.25 -12.57
C LEU D 82 -54.31 -23.01 -11.45
N GLY D 84 -51.51 -23.92 -11.71
CA GLY D 84 -50.28 -23.86 -12.47
C GLY D 84 -50.03 -25.24 -13.05
N GLY D 85 -48.84 -25.43 -13.64
CA GLY D 85 -48.51 -26.70 -14.24
C GLY D 85 -48.24 -27.78 -13.20
N GLN D 88 -43.19 -31.14 -11.68
CA GLN D 88 -42.11 -31.49 -12.58
C GLN D 88 -41.64 -30.28 -13.39
N LEU D 89 -42.60 -29.60 -13.98
CA LEU D 89 -42.36 -28.45 -14.83
C LEU D 89 -41.83 -27.25 -14.05
N GLN D 90 -42.55 -26.87 -12.99
CA GLN D 90 -42.18 -25.74 -12.15
C GLN D 90 -40.76 -25.88 -11.61
N LEU D 92 -38.18 -27.24 -13.18
CA LEU D 92 -37.28 -26.72 -14.20
C LEU D 92 -37.33 -25.20 -14.20
N GLU D 93 -38.53 -24.63 -14.06
CA GLU D 93 -38.67 -23.18 -14.06
C GLU D 93 -38.00 -22.58 -12.83
N ALA D 94 -37.57 -23.42 -11.90
CA ALA D 94 -36.70 -22.97 -10.84
C ALA D 94 -35.25 -23.11 -11.32
N ARG D 95 -34.90 -24.33 -11.71
CA ARG D 95 -33.55 -24.68 -12.14
C ARG D 95 -33.02 -23.70 -13.18
N VAL D 96 -33.90 -23.26 -14.08
CA VAL D 96 -33.53 -22.24 -15.04
C VAL D 96 -33.26 -20.90 -14.35
N ARG D 97 -34.29 -20.34 -13.73
CA ARG D 97 -34.21 -18.96 -13.21
C ARG D 97 -33.02 -18.84 -12.28
N GLU D 98 -32.92 -19.76 -11.34
CA GLU D 98 -31.81 -19.81 -10.41
C GLU D 98 -30.51 -19.68 -11.17
N LEU D 99 -30.28 -20.62 -12.07
CA LEU D 99 -29.08 -20.65 -12.89
C LEU D 99 -28.82 -19.27 -13.49
N GLU D 100 -29.84 -18.72 -14.15
CA GLU D 100 -29.70 -17.43 -14.80
C GLU D 100 -29.21 -16.35 -13.84
N ASN D 101 -29.82 -16.26 -12.65
CA ASN D 101 -29.60 -15.10 -11.80
C ASN D 101 -28.21 -15.22 -11.14
N GLU D 102 -27.49 -16.31 -11.42
CA GLU D 102 -26.09 -16.32 -11.00
C GLU D 102 -25.16 -16.27 -12.20
N LEU D 103 -25.60 -16.81 -13.34
CA LEU D 103 -24.82 -16.72 -14.56
C LEU D 103 -24.50 -15.26 -14.85
N GLU D 104 -25.56 -14.45 -14.81
CA GLU D 104 -25.44 -13.01 -14.91
C GLU D 104 -24.38 -12.49 -13.95
N ALA D 105 -24.50 -12.89 -12.69
CA ALA D 105 -23.59 -12.44 -11.65
C ALA D 105 -22.14 -12.85 -11.92
N GLU D 106 -21.95 -13.90 -12.72
CA GLU D 106 -20.60 -14.31 -13.11
C GLU D 106 -20.06 -13.38 -14.18
N GLN D 107 -20.90 -13.02 -15.14
CA GLN D 107 -20.50 -12.12 -16.21
C GLN D 107 -20.20 -10.74 -15.63
N ARG D 109 -19.11 -10.38 -12.82
CA ARG D 109 -17.88 -10.57 -12.07
C ARG D 109 -16.68 -10.59 -13.02
N ASN D 110 -16.95 -10.74 -14.31
CA ASN D 110 -15.88 -10.70 -15.29
C ASN D 110 -15.75 -9.31 -15.89
N ALA D 111 -16.74 -8.48 -15.58
CA ALA D 111 -16.71 -7.08 -15.99
C ALA D 111 -15.57 -6.35 -15.28
N GLU D 112 -15.62 -6.35 -13.95
CA GLU D 112 -14.64 -5.62 -13.15
C GLU D 112 -13.27 -6.29 -13.18
N SER D 113 -13.19 -7.47 -13.79
CA SER D 113 -11.93 -8.19 -13.86
C SER D 113 -11.13 -7.79 -15.10
N VAL D 114 -11.59 -6.74 -15.79
CA VAL D 114 -10.87 -6.23 -16.94
C VAL D 114 -10.49 -4.79 -16.68
N GLY D 116 -9.94 -3.76 -13.76
CA GLY D 116 -9.05 -3.82 -12.63
C GLY D 116 -7.67 -4.39 -12.90
N ARG D 118 -6.21 -4.15 -16.67
CA ARG D 118 -5.66 -3.27 -17.70
C ARG D 118 -5.55 -1.88 -17.10
N SER D 120 -3.77 -2.31 -13.99
CA SER D 120 -2.53 -2.77 -13.37
C SER D 120 -1.38 -2.73 -14.36
N GLU D 121 -1.64 -3.08 -15.62
CA GLU D 121 -0.62 -3.07 -16.65
C GLU D 121 -0.17 -1.63 -16.92
N ARG D 122 -1.07 -0.68 -16.72
CA ARG D 122 -0.68 0.73 -16.68
C ARG D 122 0.32 0.93 -15.55
N ARG D 123 -0.10 0.53 -14.35
CA ARG D 123 0.72 0.65 -13.15
C ARG D 123 2.01 -0.18 -13.27
N ILE D 124 1.93 -1.31 -13.99
CA ILE D 124 3.11 -2.13 -14.24
C ILE D 124 4.11 -1.38 -15.11
N GLU D 126 4.48 1.80 -15.78
CA GLU D 126 5.11 2.86 -15.00
C GLU D 126 6.38 2.33 -14.34
N LEU D 127 6.21 1.26 -13.56
CA LEU D 127 7.33 0.68 -12.83
C LEU D 127 8.43 0.26 -13.79
N THR D 128 8.07 -0.36 -14.91
CA THR D 128 9.08 -0.93 -15.78
C THR D 128 9.79 0.18 -16.55
N TYR D 129 9.35 1.42 -16.36
CA TYR D 129 10.09 2.56 -16.87
C TYR D 129 11.00 3.09 -15.76
N GLN D 130 10.45 3.15 -14.54
CA GLN D 130 11.22 3.59 -13.38
C GLN D 130 12.51 2.79 -13.24
N THR D 131 12.37 1.47 -13.28
CA THR D 131 13.50 0.57 -13.16
C THR D 131 14.50 0.78 -14.29
N GLU D 132 14.01 1.23 -15.43
CA GLU D 132 14.90 1.52 -16.55
C GLU D 132 15.51 2.90 -16.40
N ASP D 133 14.69 3.83 -15.90
CA ASP D 133 15.12 5.22 -15.74
C ASP D 133 16.10 5.34 -14.57
N LEU D 134 15.85 4.56 -13.52
CA LEU D 134 16.74 4.56 -12.36
C LEU D 134 18.10 4.01 -12.72
N GLU D 135 18.10 2.78 -13.26
CA GLU D 135 19.35 2.05 -13.46
C GLU D 135 20.30 2.82 -14.36
N GLU D 137 20.48 6.13 -14.69
CA GLU D 137 21.03 7.12 -13.77
C GLU D 137 22.13 6.48 -12.94
N ARG D 138 21.86 5.30 -12.39
CA ARG D 138 22.84 4.64 -11.54
C ARG D 138 24.12 4.42 -12.34
N ASP D 139 23.94 3.85 -13.54
CA ASP D 139 25.07 3.50 -14.38
C ASP D 139 25.79 4.75 -14.88
N PHE D 140 25.14 5.89 -14.75
CA PHE D 140 25.78 7.16 -15.01
C PHE D 140 26.70 7.43 -13.83
N TYR D 141 26.08 7.54 -12.65
CA TYR D 141 26.76 7.91 -11.42
C TYR D 141 28.00 7.07 -11.22
N PHE D 142 27.76 5.77 -11.05
CA PHE D 142 28.80 4.75 -10.94
C PHE D 142 29.97 5.04 -11.89
N GLY D 143 29.64 5.22 -13.16
CA GLY D 143 30.64 5.51 -14.18
C GLY D 143 31.56 6.62 -13.74
N LEU D 145 31.89 7.94 -10.88
CA LEU D 145 32.49 7.59 -9.59
C LEU D 145 33.77 6.78 -9.73
N ARG D 146 33.93 6.08 -10.85
CA ARG D 146 35.15 5.31 -11.01
C ARG D 146 36.14 5.98 -11.96
N ASN D 147 35.68 6.90 -12.81
CA ASN D 147 36.63 7.65 -13.62
C ASN D 147 37.51 8.43 -12.67
N ILE D 148 36.85 9.19 -11.80
CA ILE D 148 37.47 9.76 -10.61
C ILE D 148 38.44 8.78 -10.00
N GLU D 149 37.94 7.57 -9.72
CA GLU D 149 38.72 6.56 -9.04
C GLU D 149 40.05 6.33 -9.73
N LEU D 150 40.06 6.26 -11.06
CA LEU D 150 41.33 5.90 -11.67
C LEU D 150 42.28 7.08 -11.57
N ILE D 151 41.76 8.31 -11.67
CA ILE D 151 42.59 9.49 -11.39
C ILE D 151 43.21 9.32 -10.00
N CYS D 152 42.37 8.92 -9.05
CA CYS D 152 42.81 8.79 -7.66
C CYS D 152 43.78 7.61 -7.38
N GLN D 153 44.09 6.75 -8.36
CA GLN D 153 45.25 5.86 -8.13
C GLN D 153 46.28 6.08 -9.22
N GLU D 154 45.97 6.98 -10.15
CA GLU D 154 47.01 7.49 -11.02
C GLU D 154 47.91 8.38 -10.18
N ASN D 155 47.61 9.68 -10.19
CA ASN D 155 48.39 10.64 -9.43
C ASN D 155 48.08 10.58 -7.94
N GLU D 156 48.53 9.52 -7.28
CA GLU D 156 48.41 9.43 -5.83
C GLU D 156 49.61 8.70 -5.21
N GLY D 157 50.74 9.41 -5.19
CA GLY D 157 51.91 8.95 -4.46
C GLY D 157 52.32 10.10 -3.56
N GLU D 158 51.82 11.28 -3.88
CA GLU D 158 52.09 12.50 -3.12
C GLU D 158 51.33 12.49 -1.79
N ASN D 159 50.46 11.50 -1.63
CA ASN D 159 49.67 11.31 -0.42
C ASN D 159 48.89 12.57 -0.03
N ASP D 160 48.36 13.26 -1.04
CA ASP D 160 47.58 14.48 -0.87
C ASP D 160 46.36 14.23 0.01
N PRO D 161 46.32 14.87 1.20
CA PRO D 161 45.23 14.70 2.18
C PRO D 161 43.85 15.05 1.61
N VAL D 162 43.82 15.87 0.57
CA VAL D 162 42.58 16.17 -0.14
C VAL D 162 42.14 14.94 -0.91
N LEU D 163 43.01 14.46 -1.79
CA LEU D 163 42.73 13.24 -2.54
C LEU D 163 42.62 12.06 -1.60
N GLN D 164 43.26 12.16 -0.43
CA GLN D 164 43.10 11.13 0.60
C GLN D 164 41.67 11.16 1.13
N ARG D 165 41.12 12.36 1.30
CA ARG D 165 39.72 12.52 1.68
C ARG D 165 38.82 11.88 0.63
N ILE D 166 39.07 12.22 -0.63
CA ILE D 166 38.27 11.73 -1.74
C ILE D 166 38.32 10.20 -1.84
N VAL D 167 39.52 9.64 -1.67
CA VAL D 167 39.70 8.20 -1.72
C VAL D 167 38.97 7.55 -0.54
N ASP D 168 39.11 8.14 0.65
CA ASP D 168 38.41 7.66 1.82
C ASP D 168 36.90 7.67 1.61
N ILE D 169 36.43 8.58 0.75
CA ILE D 169 35.01 8.62 0.37
C ILE D 169 34.67 7.49 -0.60
N LEU D 170 35.56 7.25 -1.56
CA LEU D 170 35.30 6.24 -2.59
C LEU D 170 35.18 4.80 -2.04
N TYR D 171 35.44 4.61 -0.75
CA TYR D 171 35.30 3.28 -0.13
C TYR D 171 34.68 3.38 1.26
N ALA D 172 33.36 3.20 1.33
CA ALA D 172 32.65 3.24 2.61
C ALA D 172 32.88 1.95 3.41
#